data_3LCT
#
_entry.id   3LCT
#
_cell.length_a   51.780
_cell.length_b   57.069
_cell.length_c   104.061
_cell.angle_alpha   90.00
_cell.angle_beta   90.00
_cell.angle_gamma   90.00
#
_symmetry.space_group_name_H-M   'P 21 21 21'
#
loop_
_entity.id
_entity.type
_entity.pdbx_description
1 polymer 'ALK tyrosine kinase receptor'
2 non-polymer GLYCEROL
3 non-polymer "ADENOSINE-5'-DIPHOSPHATE"
4 water water
#
_entity_poly.entity_id   1
_entity_poly.type   'polypeptide(L)'
_entity_poly.pdbx_seq_one_letter_code
;GAMGSELQSPEYKLSKLRTSTIMTDYNPNYCFAGKTSSISDLKEVPRKNITLIRGLGHGAFGEVYEGQVSGMPNDPSPLQ
VAVKTLPEVCSEQDELDFLMEALIISKFNHQNIVRCIGVSLQSLPRFILLELMAGGDLKSFLRETRPRPSQPSSLAMLDL
LHVARDIACGCQYLEENHFIHRDIAARNCLLTCPGPGRVAKIGDFGMARDIYRAGYYRKGGCAMLPVKWMPPEAFMEGIF
TSKTDTWSFGVLLWEIFSLGYMPYPSKSNQEVLEFVTSGGRMDPPKNCPGPVYRIMTQCWQHQPEDRPNFAIILERIEYC
TQDPDVINTALPIEYGPLVEEEEK
;
_entity_poly.pdbx_strand_id   A
#
# COMPACT_ATOMS: atom_id res chain seq x y z
N ASN A 27 28.35 2.37 2.95
CA ASN A 27 27.35 1.79 2.00
C ASN A 27 26.41 0.74 2.65
N PRO A 28 25.30 1.19 3.28
CA PRO A 28 24.47 0.28 4.10
C PRO A 28 23.88 -0.88 3.30
N ASN A 29 23.82 -2.03 3.95
CA ASN A 29 23.23 -3.23 3.37
C ASN A 29 21.77 -3.31 3.69
N TYR A 30 21.06 -4.09 2.89
CA TYR A 30 19.72 -4.51 3.23
C TYR A 30 19.64 -6.00 3.24
N CYS A 31 18.89 -6.52 4.20
CA CYS A 31 18.71 -7.95 4.30
C CYS A 31 17.25 -8.40 4.35
N PHE A 32 16.90 -9.30 3.44
CA PHE A 32 15.55 -9.80 3.31
C PHE A 32 15.62 -11.26 2.88
N ALA A 33 14.79 -12.08 3.53
CA ALA A 33 14.60 -13.51 3.19
C ALA A 33 15.81 -14.46 2.87
N GLY A 34 16.87 -14.49 3.67
CA GLY A 34 17.35 -13.38 4.49
C GLY A 34 18.76 -13.11 3.94
N LYS A 35 18.91 -13.16 2.61
CA LYS A 35 20.19 -12.88 1.94
C LYS A 35 20.48 -11.38 1.96
N THR A 36 21.71 -11.01 1.61
CA THR A 36 22.08 -9.62 1.76
C THR A 36 22.28 -8.94 0.41
N SER A 37 22.09 -7.63 0.38
CA SER A 37 22.27 -6.89 -0.85
C SER A 37 22.72 -5.50 -0.53
N SER A 38 23.15 -4.79 -1.55
CA SER A 38 23.52 -3.39 -1.43
C SER A 38 23.28 -2.76 -2.79
N ILE A 39 23.47 -1.45 -2.90
CA ILE A 39 23.21 -0.69 -4.14
C ILE A 39 23.80 -1.38 -5.37
N SER A 40 24.97 -1.98 -5.18
CA SER A 40 25.67 -2.71 -6.22
C SER A 40 24.78 -3.75 -6.89
N ASP A 41 23.81 -4.27 -6.15
CA ASP A 41 22.91 -5.28 -6.68
C ASP A 41 21.64 -4.69 -7.36
N LEU A 42 21.54 -3.37 -7.41
CA LEU A 42 20.41 -2.71 -8.10
C LEU A 42 20.73 -2.68 -9.60
N LYS A 43 19.69 -2.79 -10.44
CA LYS A 43 19.86 -2.73 -11.88
C LYS A 43 19.99 -1.28 -12.35
N GLU A 44 21.19 -0.86 -12.70
CA GLU A 44 21.42 0.53 -13.09
C GLU A 44 21.04 0.74 -14.57
N VAL A 45 19.98 1.49 -14.85
CA VAL A 45 19.65 1.72 -16.26
C VAL A 45 20.28 3.03 -16.81
N PRO A 46 20.91 2.93 -17.99
CA PRO A 46 21.52 4.10 -18.61
C PRO A 46 20.56 5.28 -18.60
N ARG A 47 21.03 6.39 -18.07
CA ARG A 47 20.23 7.62 -18.05
C ARG A 47 19.64 7.92 -19.44
N LYS A 48 20.43 7.72 -20.48
CA LYS A 48 20.00 8.13 -21.81
C LYS A 48 18.80 7.29 -22.30
N ASN A 49 18.53 6.17 -21.63
CA ASN A 49 17.45 5.27 -22.01
C ASN A 49 16.06 5.63 -21.45
N ILE A 50 16.04 6.56 -20.49
CA ILE A 50 14.86 6.93 -19.74
C ILE A 50 14.31 8.27 -20.25
N THR A 51 13.03 8.31 -20.61
CA THR A 51 12.34 9.52 -21.03
C THR A 51 11.14 9.71 -20.10
N LEU A 52 10.98 10.92 -19.58
CA LEU A 52 9.87 11.28 -18.69
C LEU A 52 8.72 11.86 -19.51
N ILE A 53 7.53 11.31 -19.34
CA ILE A 53 6.40 11.76 -20.14
C ILE A 53 5.57 12.85 -19.44
N ARG A 54 5.17 12.59 -18.20
CA ARG A 54 4.28 13.53 -17.54
C ARG A 54 4.43 13.38 -16.06
N GLY A 55 4.21 14.48 -15.33
CA GLY A 55 4.10 14.43 -13.86
C GLY A 55 2.80 13.74 -13.46
N LEU A 56 2.89 12.80 -12.51
CA LEU A 56 1.76 11.97 -12.06
C LEU A 56 1.17 12.35 -10.69
N GLY A 57 1.09 13.63 -10.39
CA GLY A 57 0.73 14.08 -9.06
C GLY A 57 1.97 14.77 -8.57
N HIS A 58 2.90 13.96 -8.08
CA HIS A 58 4.10 14.40 -7.35
C HIS A 58 3.82 14.15 -5.87
N GLY A 59 4.12 15.13 -5.02
CA GLY A 59 4.11 14.92 -3.58
C GLY A 59 4.92 16.05 -3.00
N ALA A 60 5.24 15.94 -1.71
CA ALA A 60 6.00 17.00 -1.07
C ALA A 60 7.51 16.77 -1.12
N PHE A 61 7.92 15.50 -1.04
CA PHE A 61 9.35 15.17 -1.14
C PHE A 61 9.62 14.19 -2.28
N GLY A 62 9.86 14.76 -3.45
CA GLY A 62 10.13 13.96 -4.63
C GLY A 62 8.96 14.03 -5.59
N GLU A 63 9.25 13.69 -6.84
CA GLU A 63 8.27 13.78 -7.89
C GLU A 63 8.02 12.34 -8.38
N VAL A 64 6.86 12.10 -9.00
CA VAL A 64 6.62 10.83 -9.67
C VAL A 64 6.19 11.15 -11.07
N TYR A 65 6.87 10.56 -12.05
CA TYR A 65 6.53 10.68 -13.47
C TYR A 65 6.14 9.37 -14.13
N GLU A 66 5.27 9.47 -15.13
CA GLU A 66 5.15 8.37 -16.06
C GLU A 66 6.34 8.53 -17.00
N GLY A 67 7.05 7.45 -17.24
CA GLY A 67 8.09 7.50 -18.27
C GLY A 67 8.26 6.22 -19.06
N GLN A 68 9.27 6.22 -19.91
CA GLN A 68 9.60 5.12 -20.81
C GLN A 68 11.08 4.82 -20.66
N VAL A 69 11.43 3.55 -20.60
CA VAL A 69 12.82 3.20 -20.89
C VAL A 69 12.91 2.50 -22.23
N SER A 70 13.69 3.11 -23.12
CA SER A 70 13.89 2.63 -24.48
C SER A 70 15.05 1.66 -24.55
N GLY A 71 14.88 0.47 -23.96
CA GLY A 71 15.85 -0.63 -24.15
C GLY A 71 15.77 -1.04 -25.62
N MET A 72 16.91 -1.18 -26.31
CA MET A 72 18.26 -1.24 -25.69
C MET A 72 19.36 -0.17 -26.05
N PRO A 73 19.02 1.02 -26.62
CA PRO A 73 17.75 1.73 -26.96
C PRO A 73 17.14 1.30 -28.30
N ASN A 74 15.80 1.35 -28.37
CA ASN A 74 15.06 0.89 -29.57
C ASN A 74 13.85 1.72 -30.08
N ASP A 75 12.87 1.07 -30.73
CA ASP A 75 11.97 1.71 -31.73
C ASP A 75 10.55 1.20 -32.06
N PRO A 76 9.81 0.57 -31.11
CA PRO A 76 9.92 0.18 -29.72
C PRO A 76 10.05 -1.37 -29.64
N SER A 77 9.49 -2.07 -28.62
CA SER A 77 8.47 -1.54 -27.69
C SER A 77 8.96 -1.26 -26.27
N PRO A 78 9.17 0.05 -25.95
CA PRO A 78 9.92 0.42 -24.76
C PRO A 78 9.14 0.08 -23.52
N LEU A 79 9.82 0.14 -22.39
CA LEU A 79 9.24 -0.24 -21.14
C LEU A 79 8.56 0.99 -20.55
N GLN A 80 7.31 0.82 -20.18
CA GLN A 80 6.52 1.82 -19.50
C GLN A 80 6.76 1.74 -18.00
N VAL A 81 7.09 2.87 -17.38
CA VAL A 81 7.52 2.89 -15.97
C VAL A 81 6.97 4.11 -15.18
N ALA A 82 6.92 3.99 -13.86
CA ALA A 82 6.79 5.17 -13.02
C ALA A 82 8.20 5.51 -12.50
N VAL A 83 8.57 6.78 -12.59
CA VAL A 83 9.87 7.28 -12.17
C VAL A 83 9.71 8.15 -10.91
N LYS A 84 10.29 7.68 -9.81
CA LYS A 84 10.37 8.43 -8.53
C LYS A 84 11.70 9.19 -8.40
N THR A 85 11.65 10.49 -8.18
CA THR A 85 12.88 11.27 -8.11
C THR A 85 13.28 11.58 -6.66
N LEU A 86 14.58 11.76 -6.45
CA LEU A 86 15.11 12.31 -5.22
C LEU A 86 15.42 13.79 -5.49
N PRO A 87 14.84 14.70 -4.68
CA PRO A 87 15.19 16.11 -4.84
C PRO A 87 16.70 16.30 -4.65
N GLU A 88 17.29 17.23 -5.39
CA GLU A 88 18.74 17.35 -5.41
C GLU A 88 19.22 18.16 -4.23
N VAL A 89 18.29 18.82 -3.55
CA VAL A 89 18.63 19.49 -2.31
C VAL A 89 18.03 18.60 -1.26
N CYS A 90 18.87 17.79 -0.66
CA CYS A 90 18.45 16.86 0.37
C CYS A 90 19.67 16.54 1.24
N SER A 91 19.46 15.83 2.35
CA SER A 91 20.59 15.51 3.23
C SER A 91 21.28 14.21 2.76
N GLU A 92 22.38 13.88 3.41
CA GLU A 92 22.97 12.57 3.27
C GLU A 92 21.99 11.48 3.68
N GLN A 93 21.18 11.73 4.70
CA GLN A 93 20.26 10.72 5.24
C GLN A 93 19.08 10.43 4.28
N ASP A 94 18.56 11.51 3.71
CA ASP A 94 17.57 11.44 2.64
C ASP A 94 18.09 10.53 1.54
N GLU A 95 19.33 10.78 1.11
CA GLU A 95 19.96 10.00 0.05
C GLU A 95 19.98 8.50 0.37
N LEU A 96 20.48 8.18 1.57
CA LEU A 96 20.47 6.79 2.06
C LEU A 96 19.06 6.21 2.16
N ASP A 97 18.10 7.05 2.53
CA ASP A 97 16.70 6.63 2.62
C ASP A 97 16.11 6.22 1.26
N PHE A 98 16.43 7.03 0.27
CA PHE A 98 16.03 6.78 -1.11
C PHE A 98 16.65 5.49 -1.60
N LEU A 99 17.94 5.32 -1.35
CA LEU A 99 18.63 4.09 -1.74
C LEU A 99 18.02 2.85 -1.09
N MET A 100 17.71 2.99 0.19
CA MET A 100 17.13 1.92 0.96
C MET A 100 15.76 1.46 0.43
N GLU A 101 14.88 2.42 0.14
CA GLU A 101 13.60 2.13 -0.52
C GLU A 101 13.83 1.27 -1.80
N ALA A 102 14.70 1.72 -2.69
CA ALA A 102 15.10 0.89 -3.87
C ALA A 102 15.43 -0.56 -3.52
N LEU A 103 16.26 -0.73 -2.50
CA LEU A 103 16.70 -2.04 -2.09
C LEU A 103 15.57 -2.89 -1.58
N ILE A 104 14.77 -2.32 -0.68
CA ILE A 104 13.62 -3.01 -0.11
C ILE A 104 12.69 -3.50 -1.21
N ILE A 105 12.36 -2.59 -2.11
CA ILE A 105 11.40 -2.93 -3.17
C ILE A 105 11.94 -3.96 -4.15
N SER A 106 13.22 -3.83 -4.55
CA SER A 106 13.83 -4.72 -5.55
C SER A 106 13.93 -6.15 -5.06
N LYS A 107 13.95 -6.33 -3.75
CA LYS A 107 14.20 -7.64 -3.21
C LYS A 107 12.92 -8.43 -3.03
N PHE A 108 11.77 -7.77 -3.16
CA PHE A 108 10.49 -8.51 -3.17
C PHE A 108 10.26 -9.27 -4.46
N ASN A 109 9.55 -10.38 -4.37
CA ASN A 109 9.07 -11.09 -5.55
C ASN A 109 7.66 -11.57 -5.34
N HIS A 110 6.74 -10.67 -5.63
CA HIS A 110 5.29 -10.94 -5.50
C HIS A 110 4.46 -10.13 -6.43
N GLN A 111 3.51 -10.83 -7.03
CA GLN A 111 2.62 -10.24 -8.03
C GLN A 111 1.75 -9.15 -7.43
N ASN A 112 1.54 -9.18 -6.11
CA ASN A 112 0.81 -8.12 -5.45
C ASN A 112 1.62 -7.05 -4.76
N ILE A 113 2.89 -6.98 -5.14
CA ILE A 113 3.80 -5.94 -4.75
C ILE A 113 4.40 -5.38 -6.02
N VAL A 114 4.34 -4.06 -6.15
CA VAL A 114 4.91 -3.33 -7.27
C VAL A 114 6.34 -3.76 -7.52
N ARG A 115 6.68 -3.94 -8.80
CA ARG A 115 8.03 -4.28 -9.20
C ARG A 115 8.91 -3.03 -9.30
N CYS A 116 10.19 -3.21 -8.96
CA CYS A 116 11.21 -2.22 -9.18
C CYS A 116 11.91 -2.65 -10.45
N ILE A 117 11.91 -1.77 -11.42
CA ILE A 117 12.41 -2.09 -12.76
C ILE A 117 13.94 -1.84 -12.80
N GLY A 118 14.40 -1.00 -11.90
CA GLY A 118 15.79 -0.68 -11.82
C GLY A 118 15.86 0.71 -11.25
N VAL A 119 17.03 1.33 -11.38
CA VAL A 119 17.32 2.60 -10.77
C VAL A 119 18.25 3.32 -11.70
N SER A 120 18.37 4.62 -11.46
CA SER A 120 19.32 5.43 -12.15
C SER A 120 19.94 6.32 -11.09
N LEU A 121 21.03 5.84 -10.52
CA LEU A 121 21.62 6.43 -9.36
C LEU A 121 22.86 7.23 -9.73
N GLN A 122 23.36 7.01 -10.93
CA GLN A 122 24.64 7.61 -11.33
C GLN A 122 24.48 8.90 -12.11
N SER A 123 23.25 9.37 -12.22
CA SER A 123 22.96 10.72 -12.65
C SER A 123 22.03 11.38 -11.65
N LEU A 124 22.05 12.70 -11.65
CA LEU A 124 21.31 13.55 -10.74
C LEU A 124 20.26 14.30 -11.57
N PRO A 125 19.01 14.30 -11.11
CA PRO A 125 18.59 13.75 -9.83
C PRO A 125 18.45 12.23 -9.93
N ARG A 126 18.53 11.57 -8.77
CA ARG A 126 18.47 10.10 -8.70
C ARG A 126 17.08 9.62 -9.05
N PHE A 127 17.00 8.50 -9.79
CA PHE A 127 15.71 7.88 -10.15
C PHE A 127 15.61 6.48 -9.55
N ILE A 128 14.42 6.16 -9.06
CA ILE A 128 13.96 4.78 -8.96
C ILE A 128 12.86 4.57 -10.04
N LEU A 129 12.89 3.43 -10.73
CA LEU A 129 11.94 3.14 -11.80
C LEU A 129 11.05 1.99 -11.34
N LEU A 130 9.74 2.21 -11.31
CA LEU A 130 8.81 1.21 -10.78
C LEU A 130 7.80 0.84 -11.85
N GLU A 131 7.25 -0.35 -11.73
CA GLU A 131 6.08 -0.78 -12.45
C GLU A 131 5.09 0.40 -12.58
N LEU A 132 4.71 0.76 -13.78
CA LEU A 132 3.70 1.79 -13.94
C LEU A 132 2.31 1.27 -13.58
N MET A 133 1.73 1.86 -12.54
CA MET A 133 0.41 1.47 -12.07
C MET A 133 -0.66 2.48 -12.56
N ALA A 134 -1.20 2.21 -13.75
CA ALA A 134 -2.10 3.13 -14.48
C ALA A 134 -3.41 3.47 -13.82
N GLY A 135 -3.91 2.60 -12.95
CA GLY A 135 -5.15 2.88 -12.26
C GLY A 135 -4.99 3.78 -11.05
N GLY A 136 -3.75 4.12 -10.71
CA GLY A 136 -3.46 5.08 -9.65
C GLY A 136 -3.56 4.45 -8.29
N ASP A 137 -3.52 5.29 -7.26
CA ASP A 137 -3.70 4.77 -5.89
C ASP A 137 -5.14 4.36 -5.61
N LEU A 138 -5.30 3.39 -4.72
CA LEU A 138 -6.59 2.79 -4.38
C LEU A 138 -7.64 3.73 -3.79
N LYS A 139 -7.25 4.52 -2.79
CA LYS A 139 -8.16 5.51 -2.20
C LYS A 139 -8.74 6.44 -3.30
N SER A 140 -7.87 6.94 -4.16
CA SER A 140 -8.34 7.86 -5.16
C SER A 140 -9.21 7.17 -6.17
N PHE A 141 -8.84 5.94 -6.51
CA PHE A 141 -9.60 5.17 -7.50
C PHE A 141 -11.03 4.97 -6.99
N LEU A 142 -11.16 4.51 -5.76
CA LEU A 142 -12.47 4.32 -5.14
C LEU A 142 -13.29 5.60 -5.18
N ARG A 143 -12.72 6.68 -4.65
CA ARG A 143 -13.41 7.97 -4.65
C ARG A 143 -13.83 8.34 -6.06
N GLU A 144 -12.93 8.15 -7.02
CA GLU A 144 -13.19 8.53 -8.40
C GLU A 144 -14.16 7.63 -9.15
N THR A 145 -14.36 6.39 -8.67
CA THR A 145 -15.26 5.47 -9.38
C THR A 145 -16.51 5.06 -8.59
N ARG A 146 -16.72 5.64 -7.41
CA ARG A 146 -18.00 5.54 -6.69
C ARG A 146 -19.17 5.70 -7.67
N PRO A 147 -20.08 4.71 -7.70
CA PRO A 147 -21.36 4.81 -8.41
C PRO A 147 -22.09 6.13 -8.12
N ARG A 148 -22.41 6.87 -9.18
CA ARG A 148 -22.87 8.26 -9.08
C ARG A 148 -24.20 8.64 -9.76
N PRO A 149 -24.50 8.04 -10.94
CA PRO A 149 -25.34 8.62 -11.99
C PRO A 149 -25.63 10.15 -11.91
N SER A 150 -25.17 10.97 -12.88
CA SER A 150 -24.67 10.62 -14.23
C SER A 150 -23.86 9.32 -14.47
N GLN A 151 -22.54 9.45 -14.59
CA GLN A 151 -21.67 8.31 -14.91
C GLN A 151 -22.04 7.07 -14.09
N PRO A 152 -22.49 5.99 -14.78
CA PRO A 152 -23.20 4.85 -14.17
C PRO A 152 -22.45 4.00 -13.10
N SER A 153 -22.90 2.75 -12.92
CA SER A 153 -22.31 1.82 -11.95
C SER A 153 -21.36 0.79 -12.57
N SER A 154 -20.19 1.24 -13.01
CA SER A 154 -19.16 0.31 -13.47
C SER A 154 -18.21 0.02 -12.32
N LEU A 155 -18.81 -0.48 -11.22
CA LEU A 155 -18.09 -0.98 -10.04
C LEU A 155 -19.09 -1.77 -9.19
N ALA A 156 -18.69 -2.98 -8.77
CA ALA A 156 -19.52 -3.84 -7.96
C ALA A 156 -18.76 -4.51 -6.79
N MET A 157 -19.53 -5.07 -5.87
CA MET A 157 -19.00 -5.77 -4.68
C MET A 157 -17.79 -6.72 -4.98
N LEU A 158 -17.82 -7.44 -6.09
CA LEU A 158 -16.73 -8.38 -6.40
C LEU A 158 -15.47 -7.63 -6.82
N ASP A 159 -15.63 -6.49 -7.47
CA ASP A 159 -14.49 -5.61 -7.71
C ASP A 159 -13.77 -5.29 -6.41
N LEU A 160 -14.55 -4.93 -5.37
CA LEU A 160 -14.01 -4.63 -4.05
C LEU A 160 -13.38 -5.85 -3.37
N LEU A 161 -14.06 -6.99 -3.43
CA LEU A 161 -13.51 -8.22 -2.86
C LEU A 161 -12.19 -8.65 -3.53
N HIS A 162 -12.08 -8.49 -4.84
CA HIS A 162 -10.86 -8.88 -5.55
C HIS A 162 -9.65 -8.01 -5.15
N VAL A 163 -9.88 -6.70 -5.03
CA VAL A 163 -8.87 -5.81 -4.53
C VAL A 163 -8.45 -6.21 -3.10
N ALA A 164 -9.41 -6.61 -2.27
CA ALA A 164 -9.12 -6.95 -0.89
C ALA A 164 -8.28 -8.26 -0.90
N ARG A 165 -8.63 -9.18 -1.77
CA ARG A 165 -7.88 -10.42 -1.91
C ARG A 165 -6.45 -10.14 -2.42
N ASP A 166 -6.32 -9.42 -3.54
CA ASP A 166 -5.03 -8.91 -4.04
C ASP A 166 -4.09 -8.41 -2.93
N ILE A 167 -4.58 -7.48 -2.12
CA ILE A 167 -3.74 -6.93 -1.05
C ILE A 167 -3.53 -7.95 0.08
N ALA A 168 -4.55 -8.69 0.45
CA ALA A 168 -4.36 -9.74 1.41
C ALA A 168 -3.23 -10.68 0.97
N CYS A 169 -3.17 -10.97 -0.33
CA CYS A 169 -2.20 -11.87 -0.93
C CYS A 169 -0.78 -11.34 -0.81
N GLY A 170 -0.64 -10.04 -1.05
CA GLY A 170 0.65 -9.40 -0.85
C GLY A 170 1.03 -9.33 0.62
N CYS A 171 0.06 -9.02 1.48
CA CYS A 171 0.31 -8.98 2.92
C CYS A 171 0.78 -10.32 3.45
N GLN A 172 0.18 -11.39 2.93
CA GLN A 172 0.54 -12.74 3.32
C GLN A 172 2.00 -13.08 2.96
N TYR A 173 2.47 -12.51 1.83
CA TYR A 173 3.84 -12.76 1.38
C TYR A 173 4.82 -12.02 2.28
N LEU A 174 4.49 -10.80 2.67
CA LEU A 174 5.28 -10.10 3.69
C LEU A 174 5.34 -10.89 4.99
N GLU A 175 4.18 -11.28 5.50
CA GLU A 175 4.13 -12.05 6.74
C GLU A 175 5.01 -13.28 6.66
N GLU A 176 4.85 -14.10 5.61
CA GLU A 176 5.62 -15.37 5.53
C GLU A 176 7.14 -15.12 5.41
N ASN A 177 7.53 -13.93 4.97
CA ASN A 177 8.95 -13.61 4.89
C ASN A 177 9.35 -12.63 5.99
N HIS A 178 8.49 -12.51 7.01
CA HIS A 178 8.75 -11.78 8.25
C HIS A 178 9.11 -10.32 8.01
N PHE A 179 8.39 -9.71 7.10
CA PHE A 179 8.49 -8.29 6.89
C PHE A 179 7.22 -7.63 7.41
N ILE A 180 7.37 -6.62 8.28
CA ILE A 180 6.22 -5.90 8.85
C ILE A 180 6.10 -4.64 8.01
N HIS A 181 4.93 -4.36 7.46
CA HIS A 181 4.80 -3.25 6.58
C HIS A 181 4.71 -1.94 7.33
N ARG A 182 3.87 -1.95 8.38
CA ARG A 182 3.68 -0.86 9.32
C ARG A 182 2.72 0.24 8.85
N ASP A 183 2.21 0.16 7.61
CA ASP A 183 1.51 1.33 7.05
C ASP A 183 0.58 0.88 5.93
N ILE A 184 -0.09 -0.26 6.14
CA ILE A 184 -1.15 -0.72 5.23
C ILE A 184 -2.31 0.29 5.30
N ALA A 185 -2.85 0.68 4.14
CA ALA A 185 -3.70 1.88 3.98
C ALA A 185 -4.01 2.02 2.48
N ALA A 186 -5.24 2.36 2.12
CA ALA A 186 -5.58 2.46 0.71
C ALA A 186 -4.67 3.42 -0.10
N ARG A 187 -4.21 4.54 0.48
CA ARG A 187 -3.32 5.46 -0.28
C ARG A 187 -1.95 4.81 -0.61
N ASN A 188 -1.63 3.68 0.04
CA ASN A 188 -0.37 3.02 -0.19
C ASN A 188 -0.51 1.82 -1.11
N CYS A 189 -1.74 1.57 -1.57
CA CYS A 189 -2.01 0.56 -2.57
C CYS A 189 -2.27 1.17 -3.95
N LEU A 190 -1.84 0.47 -5.00
CA LEU A 190 -2.04 0.95 -6.36
C LEU A 190 -2.70 -0.09 -7.24
N LEU A 191 -3.28 0.39 -8.34
CA LEU A 191 -3.94 -0.47 -9.29
C LEU A 191 -3.23 -0.46 -10.64
N THR A 192 -3.13 -1.65 -11.25
CA THR A 192 -2.48 -1.78 -12.57
C THR A 192 -3.20 -0.96 -13.64
N CYS A 193 -4.53 -0.98 -13.60
CA CYS A 193 -5.39 -0.21 -14.54
C CYS A 193 -6.75 0.18 -13.91
N PRO A 194 -7.52 1.11 -14.53
CA PRO A 194 -8.84 1.45 -14.00
C PRO A 194 -9.96 0.43 -14.26
N GLY A 195 -9.99 -0.15 -15.45
CA GLY A 195 -11.09 -1.04 -15.85
C GLY A 195 -11.00 -2.43 -15.25
N PRO A 196 -11.92 -3.33 -15.64
CA PRO A 196 -11.89 -4.74 -15.21
C PRO A 196 -10.57 -5.45 -15.61
N GLY A 197 -10.14 -6.44 -14.86
CA GLY A 197 -8.79 -6.95 -15.04
C GLY A 197 -7.74 -6.23 -14.18
N ARG A 198 -8.16 -5.22 -13.42
CA ARG A 198 -7.22 -4.51 -12.58
C ARG A 198 -6.64 -5.43 -11.50
N VAL A 199 -5.38 -5.18 -11.16
CA VAL A 199 -4.82 -5.90 -10.03
C VAL A 199 -4.27 -4.87 -9.06
N ALA A 200 -4.63 -5.08 -7.80
CA ALA A 200 -4.21 -4.17 -6.71
C ALA A 200 -2.92 -4.66 -6.11
N LYS A 201 -2.01 -3.72 -5.86
CA LYS A 201 -0.68 -4.08 -5.28
C LYS A 201 -0.25 -3.10 -4.22
N ILE A 202 0.60 -3.54 -3.29
CA ILE A 202 1.14 -2.64 -2.26
C ILE A 202 2.28 -1.87 -2.93
N GLY A 203 2.27 -0.55 -2.86
CA GLY A 203 3.26 0.19 -3.61
C GLY A 203 4.05 1.20 -2.79
N ASP A 204 3.93 1.16 -1.47
CA ASP A 204 4.64 2.15 -0.68
C ASP A 204 5.27 1.50 0.51
N PHE A 205 6.54 1.75 0.69
CA PHE A 205 7.26 1.15 1.80
C PHE A 205 8.03 2.16 2.60
N GLY A 206 7.67 3.45 2.46
CA GLY A 206 8.32 4.54 3.19
C GLY A 206 8.44 4.31 4.69
N MET A 207 7.35 3.87 5.33
CA MET A 207 7.39 3.67 6.79
C MET A 207 8.31 2.53 7.22
N ALA A 208 8.21 1.40 6.51
CA ALA A 208 9.08 0.23 6.74
C ALA A 208 10.53 0.65 6.60
N ARG A 209 10.81 1.38 5.53
CA ARG A 209 12.14 1.89 5.27
C ARG A 209 12.64 2.71 6.47
N ASP A 210 11.79 3.63 6.96
CA ASP A 210 12.19 4.52 8.05
C ASP A 210 12.59 3.76 9.30
N ILE A 211 11.79 2.77 9.69
CA ILE A 211 12.10 2.03 10.89
C ILE A 211 13.31 1.14 10.67
N TYR A 212 13.40 0.53 9.50
CA TYR A 212 14.61 -0.17 9.12
C TYR A 212 15.82 0.75 9.28
N ARG A 213 15.73 1.99 8.81
CA ARG A 213 16.91 2.89 8.86
C ARG A 213 17.36 3.39 10.26
N ALA A 214 16.47 4.03 11.01
CA ALA A 214 16.77 4.30 12.43
C ALA A 214 16.09 3.17 13.22
N GLY A 215 15.99 3.26 14.53
CA GLY A 215 15.20 2.23 15.25
C GLY A 215 13.72 2.55 15.35
N TYR A 216 13.36 3.77 14.97
CA TYR A 216 12.08 4.38 15.30
C TYR A 216 11.75 5.43 14.24
N TYR A 217 10.66 6.16 14.44
CA TYR A 217 10.17 7.17 13.49
C TYR A 217 10.89 8.52 13.61
N ARG A 218 12.18 8.54 13.31
CA ARG A 218 13.01 9.72 13.54
C ARG A 218 12.66 10.96 12.69
N LYS A 219 12.30 10.73 11.42
CA LYS A 219 11.99 11.83 10.49
C LYS A 219 10.50 12.18 10.53
N GLY A 220 9.75 11.46 11.34
CA GLY A 220 8.36 11.79 11.59
C GLY A 220 8.13 12.51 12.90
N GLY A 221 7.09 12.06 13.58
CA GLY A 221 6.58 12.69 14.77
C GLY A 221 5.17 12.21 14.94
N CYS A 222 4.49 12.69 15.95
CA CYS A 222 3.22 12.08 16.31
C CYS A 222 2.09 12.39 15.32
N ALA A 223 2.09 13.64 14.86
CA ALA A 223 1.15 14.13 13.88
C ALA A 223 1.30 13.42 12.53
N MET A 224 2.47 12.82 12.28
CA MET A 224 2.69 12.09 11.03
C MET A 224 2.41 10.60 11.14
N LEU A 225 2.21 10.09 12.35
CA LEU A 225 1.88 8.64 12.49
C LEU A 225 0.50 8.29 11.94
N PRO A 226 0.33 7.13 11.26
CA PRO A 226 -1.02 6.73 10.81
C PRO A 226 -1.86 6.07 11.90
N VAL A 227 -2.16 6.80 12.98
CA VAL A 227 -2.74 6.17 14.19
C VAL A 227 -4.07 5.52 13.94
N LYS A 228 -4.82 6.03 12.95
CA LYS A 228 -6.11 5.46 12.56
C LYS A 228 -6.05 4.08 11.97
N TRP A 229 -4.86 3.67 11.55
CA TRP A 229 -4.63 2.34 11.01
C TRP A 229 -3.83 1.46 12.00
N MET A 230 -3.59 1.96 13.22
CA MET A 230 -2.73 1.23 14.18
C MET A 230 -3.50 0.61 15.33
N PRO A 231 -3.15 -0.64 15.73
CA PRO A 231 -3.76 -1.31 16.88
C PRO A 231 -3.23 -0.72 18.20
N PRO A 232 -3.91 -0.98 19.32
CA PRO A 232 -3.56 -0.32 20.59
C PRO A 232 -2.14 -0.59 21.06
N GLU A 233 -1.66 -1.84 20.95
CA GLU A 233 -0.28 -2.15 21.33
C GLU A 233 0.73 -1.39 20.47
N ALA A 234 0.36 -1.02 19.25
CA ALA A 234 1.27 -0.25 18.37
C ALA A 234 1.38 1.22 18.80
N PHE A 235 0.26 1.94 18.89
CA PHE A 235 0.41 3.35 19.35
C PHE A 235 0.69 3.49 20.85
N MET A 236 0.40 2.45 21.64
CA MET A 236 0.65 2.54 23.08
C MET A 236 2.08 2.15 23.52
N GLU A 237 2.69 1.21 22.81
CA GLU A 237 3.89 0.54 23.28
C GLU A 237 4.97 0.56 22.21
N GLY A 238 4.59 0.89 20.99
CA GLY A 238 5.48 0.85 19.86
C GLY A 238 5.80 -0.59 19.50
N ILE A 239 4.92 -1.53 19.85
CA ILE A 239 5.07 -2.92 19.43
C ILE A 239 4.46 -3.13 18.06
N PHE A 240 5.26 -3.67 17.15
CA PHE A 240 4.84 -4.05 15.81
C PHE A 240 5.23 -5.52 15.56
N THR A 241 4.27 -6.28 15.03
CA THR A 241 4.45 -7.67 14.62
C THR A 241 3.57 -7.82 13.41
N SER A 242 3.45 -9.03 12.87
CA SER A 242 2.54 -9.22 11.70
C SER A 242 1.08 -9.11 12.09
N LYS A 243 0.79 -9.22 13.40
CA LYS A 243 -0.58 -8.97 13.84
C LYS A 243 -0.91 -7.48 13.83
N THR A 244 0.09 -6.60 13.89
CA THR A 244 -0.23 -5.17 13.72
C THR A 244 -0.62 -4.84 12.24
N ASP A 245 -0.03 -5.51 11.25
CA ASP A 245 -0.50 -5.37 9.87
C ASP A 245 -1.95 -5.85 9.68
N THR A 246 -2.32 -7.00 10.31
CA THR A 246 -3.66 -7.50 10.36
C THR A 246 -4.66 -6.45 10.76
N TRP A 247 -4.40 -5.78 11.85
CA TRP A 247 -5.26 -4.67 12.26
C TRP A 247 -5.37 -3.59 11.18
N SER A 248 -4.23 -3.19 10.64
CA SER A 248 -4.21 -2.18 9.58
C SER A 248 -5.04 -2.64 8.39
N PHE A 249 -5.05 -3.93 8.15
CA PHE A 249 -5.72 -4.48 6.98
C PHE A 249 -7.23 -4.36 7.15
N GLY A 250 -7.70 -4.71 8.36
CA GLY A 250 -9.08 -4.47 8.77
C GLY A 250 -9.51 -3.06 8.43
N VAL A 251 -8.69 -2.06 8.75
CA VAL A 251 -9.06 -0.68 8.47
C VAL A 251 -9.08 -0.46 6.96
N LEU A 252 -8.10 -1.05 6.24
CA LEU A 252 -8.07 -0.94 4.77
C LEU A 252 -9.42 -1.41 4.12
N LEU A 253 -9.88 -2.56 4.57
CA LEU A 253 -11.12 -3.16 4.19
C LEU A 253 -12.23 -2.16 4.37
N TRP A 254 -12.34 -1.59 5.56
CA TRP A 254 -13.37 -0.60 5.75
C TRP A 254 -13.19 0.51 4.71
N GLU A 255 -11.96 0.89 4.47
CA GLU A 255 -11.70 1.98 3.48
C GLU A 255 -12.23 1.51 2.11
N ILE A 256 -11.96 0.25 1.76
CA ILE A 256 -12.45 -0.28 0.49
C ILE A 256 -13.99 -0.36 0.48
N PHE A 257 -14.59 -0.89 1.53
CA PHE A 257 -16.04 -1.09 1.44
C PHE A 257 -16.85 0.14 1.67
N SER A 258 -16.21 1.20 2.16
CA SER A 258 -16.83 2.52 2.25
C SER A 258 -16.60 3.29 0.99
N LEU A 259 -15.83 2.69 0.06
CA LEU A 259 -15.51 3.34 -1.21
C LEU A 259 -14.67 4.63 -1.03
N GLY A 260 -13.64 4.56 -0.15
CA GLY A 260 -12.62 5.57 -0.03
C GLY A 260 -12.89 6.70 0.94
N TYR A 261 -13.68 6.39 1.96
CA TYR A 261 -13.88 7.33 3.05
C TYR A 261 -12.69 7.23 3.97
N MET A 262 -12.38 8.34 4.63
CA MET A 262 -11.48 8.38 5.80
C MET A 262 -12.01 7.54 6.98
N PRO A 263 -11.17 6.65 7.51
CA PRO A 263 -11.49 5.89 8.75
C PRO A 263 -11.97 6.80 9.88
N TYR A 264 -12.88 6.27 10.71
CA TYR A 264 -13.53 7.02 11.83
C TYR A 264 -13.88 8.45 11.36
N PRO A 265 -14.84 8.55 10.41
CA PRO A 265 -15.19 9.79 9.71
C PRO A 265 -15.17 11.09 10.56
N SER A 266 -15.75 11.13 11.75
CA SER A 266 -15.71 12.47 12.37
C SER A 266 -14.54 12.73 13.34
N LYS A 267 -13.83 11.68 13.71
CA LYS A 267 -12.87 11.76 14.81
C LYS A 267 -11.47 12.20 14.37
N SER A 268 -10.78 12.92 15.26
CA SER A 268 -9.37 13.21 15.13
C SER A 268 -8.53 12.01 15.56
N ASN A 269 -7.23 12.11 15.30
CA ASN A 269 -6.25 11.10 15.74
C ASN A 269 -6.35 10.78 17.24
N GLN A 270 -6.38 11.80 18.08
CA GLN A 270 -6.51 11.54 19.52
C GLN A 270 -7.84 10.89 19.93
N GLU A 271 -8.94 11.34 19.33
CA GLU A 271 -10.26 10.78 19.63
C GLU A 271 -10.26 9.31 19.29
N VAL A 272 -9.60 8.97 18.18
CA VAL A 272 -9.55 7.63 17.66
C VAL A 272 -8.72 6.78 18.60
N LEU A 273 -7.58 7.34 19.00
CA LEU A 273 -6.75 6.63 19.94
C LEU A 273 -7.46 6.37 21.29
N GLU A 274 -8.15 7.38 21.83
CA GLU A 274 -9.03 7.16 22.99
C GLU A 274 -10.19 6.14 22.78
N PHE A 275 -10.86 6.23 21.62
CA PHE A 275 -12.01 5.41 21.30
C PHE A 275 -11.58 3.96 21.21
N VAL A 276 -10.53 3.72 20.40
CA VAL A 276 -10.09 2.38 20.09
C VAL A 276 -9.54 1.71 21.36
N THR A 277 -8.78 2.46 22.15
CA THR A 277 -8.24 1.99 23.42
C THR A 277 -9.35 1.50 24.36
N SER A 278 -10.48 2.21 24.41
CA SER A 278 -11.55 1.81 25.28
C SER A 278 -12.49 0.74 24.70
N GLY A 279 -12.16 0.19 23.53
CA GLY A 279 -12.97 -0.87 22.92
C GLY A 279 -13.80 -0.43 21.72
N GLY A 280 -13.85 0.87 21.44
CA GLY A 280 -14.59 1.36 20.27
C GLY A 280 -14.12 0.88 18.93
N ARG A 281 -15.08 0.56 18.06
CA ARG A 281 -14.77 0.11 16.71
C ARG A 281 -15.72 0.78 15.72
N MET A 282 -15.24 1.02 14.51
CA MET A 282 -16.08 1.56 13.42
C MET A 282 -17.33 0.70 13.12
N ASP A 283 -18.42 1.39 12.75
CA ASP A 283 -19.62 0.71 12.24
C ASP A 283 -19.37 0.12 10.84
N PRO A 284 -20.27 -0.76 10.35
CA PRO A 284 -20.04 -1.17 8.96
C PRO A 284 -20.23 -0.02 8.00
N PRO A 285 -19.46 0.00 6.90
CA PRO A 285 -19.73 0.96 5.86
C PRO A 285 -21.14 0.74 5.29
N LYS A 286 -21.71 1.81 4.76
CA LYS A 286 -23.01 1.70 4.13
C LYS A 286 -23.11 0.44 3.21
N ASN A 287 -24.10 -0.41 3.48
CA ASN A 287 -24.45 -1.55 2.63
C ASN A 287 -23.46 -2.72 2.76
N CYS A 288 -22.46 -2.60 3.64
CA CYS A 288 -21.48 -3.67 3.81
C CYS A 288 -22.08 -5.03 4.25
N PRO A 289 -21.83 -6.09 3.48
CA PRO A 289 -22.40 -7.39 3.90
C PRO A 289 -21.78 -7.88 5.20
N GLY A 290 -22.62 -8.52 6.01
CA GLY A 290 -22.23 -8.93 7.35
C GLY A 290 -20.92 -9.69 7.33
N PRO A 291 -20.78 -10.61 6.37
CA PRO A 291 -19.61 -11.47 6.32
C PRO A 291 -18.31 -10.68 6.19
N VAL A 292 -18.35 -9.62 5.38
CA VAL A 292 -17.19 -8.72 5.19
C VAL A 292 -16.92 -7.97 6.48
N TYR A 293 -17.96 -7.50 7.14
CA TYR A 293 -17.79 -6.72 8.37
C TYR A 293 -17.24 -7.60 9.45
N ARG A 294 -17.73 -8.82 9.53
CA ARG A 294 -17.23 -9.78 10.49
C ARG A 294 -15.71 -9.85 10.36
N ILE A 295 -15.19 -9.88 9.12
CA ILE A 295 -13.75 -9.95 8.88
C ILE A 295 -13.02 -8.75 9.43
N MET A 296 -13.52 -7.54 9.17
CA MET A 296 -12.91 -6.37 9.81
C MET A 296 -12.89 -6.50 11.33
N THR A 297 -14.03 -6.86 11.94
CA THR A 297 -14.08 -6.91 13.40
C THR A 297 -13.08 -7.93 13.99
N GLN A 298 -12.78 -8.99 13.26
CA GLN A 298 -11.79 -9.95 13.73
CA GLN A 298 -11.79 -9.95 13.72
C GLN A 298 -10.40 -9.36 13.55
N CYS A 299 -10.20 -8.59 12.46
CA CYS A 299 -8.90 -7.92 12.32
C CYS A 299 -8.62 -6.98 13.46
N TRP A 300 -9.70 -6.42 14.07
CA TRP A 300 -9.60 -5.49 15.22
C TRP A 300 -9.80 -6.02 16.62
N GLN A 301 -9.66 -7.32 16.81
CA GLN A 301 -9.59 -7.89 18.14
C GLN A 301 -8.57 -7.14 19.00
N HIS A 302 -8.88 -6.89 20.28
CA HIS A 302 -7.92 -6.24 21.17
C HIS A 302 -6.58 -6.96 21.36
N GLN A 303 -6.62 -8.26 21.67
CA GLN A 303 -5.40 -9.06 21.78
C GLN A 303 -4.94 -9.44 20.38
N PRO A 304 -3.72 -9.06 20.03
CA PRO A 304 -3.08 -9.51 18.79
C PRO A 304 -3.23 -11.02 18.58
N GLU A 305 -3.08 -11.84 19.64
CA GLU A 305 -3.17 -13.32 19.50
C GLU A 305 -4.55 -13.81 19.07
N ASP A 306 -5.54 -12.95 19.26
CA ASP A 306 -6.91 -13.19 18.84
C ASP A 306 -7.18 -12.77 17.38
N ARG A 307 -6.21 -12.09 16.76
CA ARG A 307 -6.37 -11.60 15.40
C ARG A 307 -5.93 -12.69 14.43
N PRO A 308 -6.64 -12.80 13.29
CA PRO A 308 -6.24 -13.78 12.30
C PRO A 308 -4.94 -13.39 11.60
N ASN A 309 -4.19 -14.41 11.18
CA ASN A 309 -3.09 -14.15 10.26
C ASN A 309 -3.62 -14.04 8.80
N PHE A 310 -2.76 -13.61 7.89
CA PHE A 310 -3.17 -13.41 6.51
C PHE A 310 -3.64 -14.63 5.73
N ALA A 311 -3.21 -15.84 6.09
CA ALA A 311 -3.75 -17.03 5.44
C ALA A 311 -5.22 -17.22 5.80
N ILE A 312 -5.57 -16.97 7.05
CA ILE A 312 -6.95 -17.05 7.46
C ILE A 312 -7.77 -15.92 6.84
N ILE A 313 -7.19 -14.72 6.76
CA ILE A 313 -7.90 -13.61 6.17
C ILE A 313 -8.23 -13.91 4.69
N LEU A 314 -7.25 -14.41 3.94
CA LEU A 314 -7.47 -14.76 2.56
C LEU A 314 -8.55 -15.78 2.39
N GLU A 315 -8.52 -16.84 3.21
CA GLU A 315 -9.49 -17.88 3.00
C GLU A 315 -10.86 -17.31 3.34
N ARG A 316 -10.91 -16.39 4.30
CA ARG A 316 -12.19 -15.76 4.63
C ARG A 316 -12.73 -14.85 3.53
N ILE A 317 -11.85 -14.11 2.87
CA ILE A 317 -12.28 -13.25 1.79
C ILE A 317 -12.71 -14.08 0.60
N GLU A 318 -12.12 -15.26 0.46
CA GLU A 318 -12.59 -16.18 -0.59
C GLU A 318 -13.95 -16.77 -0.32
N TYR A 319 -14.23 -17.07 0.95
CA TYR A 319 -15.57 -17.51 1.35
C TYR A 319 -16.62 -16.44 0.99
N CYS A 320 -16.33 -15.17 1.30
CA CYS A 320 -17.20 -14.04 0.93
C CYS A 320 -17.42 -14.01 -0.55
N THR A 321 -16.37 -14.25 -1.31
CA THR A 321 -16.40 -14.31 -2.77
C THR A 321 -17.41 -15.34 -3.28
N GLN A 322 -17.51 -16.46 -2.58
CA GLN A 322 -18.35 -17.53 -3.05
C GLN A 322 -19.81 -17.29 -2.75
N ASP A 323 -20.12 -16.36 -1.82
CA ASP A 323 -21.50 -16.18 -1.33
C ASP A 323 -22.31 -15.21 -2.21
N PRO A 324 -23.30 -15.74 -2.96
CA PRO A 324 -24.09 -14.87 -3.84
C PRO A 324 -24.72 -13.70 -3.10
N ASP A 325 -25.16 -13.92 -1.86
CA ASP A 325 -25.77 -12.85 -1.07
C ASP A 325 -24.81 -11.72 -0.77
N VAL A 326 -23.51 -12.00 -0.72
CA VAL A 326 -22.61 -10.90 -0.58
C VAL A 326 -22.33 -10.26 -1.91
N ILE A 327 -22.02 -11.06 -2.92
CA ILE A 327 -21.55 -10.45 -4.16
C ILE A 327 -22.74 -9.90 -4.99
N ASN A 328 -23.97 -10.29 -4.64
CA ASN A 328 -25.14 -9.67 -5.27
C ASN A 328 -25.64 -8.36 -4.63
N THR A 329 -24.96 -7.90 -3.59
CA THR A 329 -25.33 -6.69 -2.86
C THR A 329 -24.93 -5.43 -3.64
N ALA A 330 -25.86 -4.51 -3.81
CA ALA A 330 -25.60 -3.21 -4.43
C ALA A 330 -24.77 -2.29 -3.52
N LEU A 331 -24.01 -1.45 -4.19
CA LEU A 331 -23.14 -0.51 -3.55
C LEU A 331 -23.95 0.77 -3.44
N PRO A 332 -23.75 1.58 -2.39
CA PRO A 332 -24.50 2.84 -2.29
C PRO A 332 -24.14 3.86 -3.37
N ILE A 333 -25.02 4.82 -3.55
CA ILE A 333 -24.85 5.82 -4.59
C ILE A 333 -24.92 7.19 -3.92
N GLU A 334 -23.77 7.87 -3.78
CA GLU A 334 -23.77 9.20 -3.15
C GLU A 334 -23.79 10.33 -4.19
#